data_4W8C
#
_entry.id   4W8C
#
_cell.length_a   65.851
_cell.length_b   94.475
_cell.length_c   122.647
_cell.angle_alpha   90.000
_cell.angle_beta   90.000
_cell.angle_gamma   90.000
#
_symmetry.space_group_name_H-M   'C 2 2 2'
#
loop_
_entity.id
_entity.type
_entity.pdbx_description
1 polymer 'Peptide methionine sulfoxide reductase MsrA'
2 non-polymer GLYCINE
3 water water
#
_entity_poly.entity_id   1
_entity_poly.type   'polypeptide(L)'
_entity_poly.pdbx_seq_one_letter_code
;MDTNQKLSIAVFALGCFWGPDAQFGSIKGVVSTRVGYAGGTTNNPSYYNLGDHSESIEIQYDANVITYGELLNIFWNLHN
PVYETTNRQYMSRIFYLDDGQKSEALEMKRQIEAANGEKIYTEIVPLENFYLAEGYHQKYYLQN
;
_entity_poly.pdbx_strand_id   A,B
#
# COMPACT_ATOMS: atom_id res chain seq x y z
N LEU A 7 21.09 -12.65 28.39
CA LEU A 7 20.22 -13.61 27.69
C LEU A 7 20.96 -14.28 26.55
N SER A 8 20.23 -14.97 25.66
CA SER A 8 20.86 -15.68 24.58
C SER A 8 20.45 -14.94 23.28
N ILE A 9 21.16 -15.23 22.20
CA ILE A 9 20.91 -14.51 20.91
C ILE A 9 20.91 -15.52 19.78
N ALA A 10 19.85 -15.48 18.97
CA ALA A 10 19.85 -16.24 17.75
C ALA A 10 19.76 -15.23 16.58
N VAL A 11 20.30 -15.57 15.41
CA VAL A 11 20.16 -14.66 14.22
C VAL A 11 19.79 -15.45 12.98
N PHE A 12 18.61 -15.18 12.44
CA PHE A 12 18.07 -15.95 11.32
C PHE A 12 17.75 -15.00 10.16
N ALA A 13 17.84 -15.50 8.93
CA ALA A 13 17.36 -14.78 7.73
C ALA A 13 16.35 -15.69 7.01
N LEU A 14 15.12 -15.22 6.88
CA LEU A 14 14.04 -15.98 6.25
C LEU A 14 14.07 -16.04 4.71
N GLY A 15 14.81 -15.14 4.08
CA GLY A 15 14.81 -15.08 2.60
C GLY A 15 13.48 -14.56 2.08
N CYS A 16 13.05 -15.04 0.92
CA CYS A 16 11.85 -14.48 0.29
C CYS A 16 10.65 -15.44 0.25
N PHE A 17 10.94 -16.73 0.38
CA PHE A 17 9.91 -17.75 0.21
C PHE A 17 9.09 -18.05 1.46
N TRP A 18 8.50 -17.01 2.02
CA TRP A 18 7.52 -17.06 3.11
C TRP A 18 6.48 -16.02 2.66
N GLY A 19 5.42 -15.67 3.39
CA GLY A 19 4.91 -16.34 4.59
C GLY A 19 3.85 -15.63 5.47
N PRO A 20 2.97 -14.81 4.85
CA PRO A 20 1.99 -14.12 5.70
C PRO A 20 1.03 -15.14 6.31
N ASP A 21 0.89 -16.24 5.59
CA ASP A 21 0.11 -17.40 5.97
C ASP A 21 0.94 -18.37 6.83
N ALA A 22 2.25 -18.36 6.63
CA ALA A 22 3.10 -19.26 7.39
C ALA A 22 3.07 -18.91 8.86
N GLN A 23 2.84 -17.64 9.15
CA GLN A 23 2.77 -17.14 10.52
C GLN A 23 1.71 -17.88 11.32
N PHE A 24 0.50 -17.91 10.75
CA PHE A 24 -0.61 -18.57 11.42
C PHE A 24 -0.49 -20.09 11.30
N GLY A 25 -0.02 -20.54 10.14
CA GLY A 25 0.19 -21.96 9.88
C GLY A 25 1.14 -22.65 10.84
N SER A 26 2.05 -21.87 11.44
CA SER A 26 3.06 -22.39 12.38
C SER A 26 2.46 -22.62 13.79
N ILE A 27 1.24 -22.17 13.97
CA ILE A 27 0.58 -22.29 15.27
C ILE A 27 0.02 -23.71 15.48
N LYS A 28 0.24 -24.24 16.69
CA LYS A 28 -0.38 -25.50 17.16
C LYS A 28 -1.91 -25.47 17.16
N GLY A 29 -2.55 -26.37 16.45
CA GLY A 29 -4.01 -26.30 16.37
C GLY A 29 -4.61 -25.68 15.11
N VAL A 30 -3.85 -24.88 14.36
CA VAL A 30 -4.39 -24.46 13.05
C VAL A 30 -3.90 -25.48 12.09
N VAL A 31 -4.82 -26.05 11.33
CA VAL A 31 -4.47 -27.20 10.52
C VAL A 31 -4.19 -26.79 9.07
N SER A 32 -4.82 -25.71 8.60
CA SER A 32 -4.49 -25.16 7.27
C SER A 32 -4.85 -23.67 7.15
N THR A 33 -4.27 -22.99 6.16
CA THR A 33 -4.48 -21.56 6.01
C THR A 33 -4.51 -21.36 4.53
N ARG A 34 -5.32 -20.41 4.05
CA ARG A 34 -5.36 -20.04 2.62
C ARG A 34 -5.30 -18.52 2.54
N VAL A 35 -4.52 -17.99 1.60
CA VAL A 35 -4.56 -16.55 1.33
C VAL A 35 -5.75 -16.22 0.40
N GLY A 36 -6.42 -15.11 0.68
CA GLY A 36 -7.60 -14.78 -0.09
C GLY A 36 -7.92 -13.33 0.12
N TYR A 37 -9.04 -12.91 -0.43
CA TYR A 37 -9.38 -11.49 -0.46
C TYR A 37 -10.76 -11.41 0.11
N ALA A 38 -10.87 -10.69 1.21
CA ALA A 38 -12.08 -10.78 1.99
C ALA A 38 -12.80 -9.46 1.93
N GLY A 39 -14.08 -9.54 1.57
CA GLY A 39 -14.99 -8.41 1.61
C GLY A 39 -15.92 -8.49 2.81
N GLY A 40 -16.58 -7.37 3.10
CA GLY A 40 -16.56 -6.23 2.18
C GLY A 40 -17.60 -6.52 1.11
N THR A 41 -18.23 -5.48 0.59
CA THR A 41 -19.35 -5.68 -0.34
C THR A 41 -19.15 -5.00 -1.70
N THR A 42 -17.96 -4.47 -1.95
CA THR A 42 -17.62 -3.95 -3.28
C THR A 42 -17.87 -5.04 -4.32
N ASN A 43 -18.55 -4.69 -5.39
CA ASN A 43 -18.71 -5.64 -6.48
C ASN A 43 -17.42 -5.88 -7.30
N ASN A 44 -17.27 -7.10 -7.80
CA ASN A 44 -16.23 -7.44 -8.78
C ASN A 44 -14.82 -6.89 -8.53
N PRO A 45 -14.23 -7.26 -7.38
CA PRO A 45 -12.86 -6.88 -7.03
C PRO A 45 -11.85 -7.51 -7.98
N SER A 46 -10.72 -6.85 -8.18
CA SER A 46 -9.63 -7.39 -9.01
C SER A 46 -8.31 -6.99 -8.36
N TYR A 47 -7.20 -7.59 -8.80
CA TYR A 47 -5.92 -7.09 -8.29
C TYR A 47 -5.71 -5.62 -8.68
N TYR A 48 -6.33 -5.17 -9.76
CA TYR A 48 -6.14 -3.77 -10.16
C TYR A 48 -6.99 -2.87 -9.26
N ASN A 49 -8.19 -3.34 -8.89
CA ASN A 49 -9.06 -2.55 -8.01
C ASN A 49 -9.78 -3.43 -7.02
N LEU A 50 -9.26 -3.46 -5.81
CA LEU A 50 -9.83 -4.39 -4.74
C LEU A 50 -11.04 -3.83 -4.06
N GLY A 51 -11.32 -2.54 -4.30
CA GLY A 51 -12.49 -1.91 -3.73
C GLY A 51 -12.34 -1.97 -2.22
N ASP A 52 -13.27 -2.64 -1.53
CA ASP A 52 -13.25 -2.70 -0.08
C ASP A 52 -12.69 -4.02 0.45
N HIS A 53 -12.22 -4.87 -0.45
CA HIS A 53 -11.68 -6.17 -0.09
C HIS A 53 -10.22 -6.04 0.34
N SER A 54 -9.79 -6.94 1.22
CA SER A 54 -8.47 -6.86 1.85
C SER A 54 -7.78 -8.18 1.70
N GLU A 55 -6.46 -8.15 1.52
CA GLU A 55 -5.69 -9.39 1.53
C GLU A 55 -5.81 -10.05 2.92
N SER A 56 -6.28 -11.29 2.96
CA SER A 56 -6.67 -11.90 4.28
C SER A 56 -6.20 -13.33 4.40
N ILE A 57 -6.13 -13.84 5.63
CA ILE A 57 -5.75 -15.24 5.82
C ILE A 57 -6.98 -15.99 6.35
N GLU A 58 -7.35 -17.07 5.67
CA GLU A 58 -8.42 -17.93 6.16
C GLU A 58 -7.75 -18.99 7.00
N ILE A 59 -8.12 -19.08 8.28
CA ILE A 59 -7.41 -19.94 9.18
C ILE A 59 -8.40 -21.01 9.62
N GLN A 60 -8.15 -22.25 9.20
CA GLN A 60 -8.98 -23.36 9.62
C GLN A 60 -8.32 -23.97 10.84
N TYR A 61 -9.02 -23.96 11.98
CA TYR A 61 -8.35 -24.39 13.19
C TYR A 61 -9.24 -25.36 13.96
N ASP A 62 -8.61 -26.15 14.83
CA ASP A 62 -9.29 -27.14 15.67
C ASP A 62 -9.42 -26.51 17.04
N ALA A 63 -10.65 -26.06 17.30
CA ALA A 63 -10.99 -25.36 18.53
C ALA A 63 -10.82 -26.24 19.82
N ASN A 64 -10.58 -27.54 19.63
CA ASN A 64 -10.24 -28.40 20.77
C ASN A 64 -8.77 -28.20 21.10
N VAL A 65 -8.00 -27.62 20.17
CA VAL A 65 -6.59 -27.31 20.45
C VAL A 65 -6.32 -25.81 20.69
N ILE A 66 -6.84 -24.90 19.85
CA ILE A 66 -6.79 -23.44 20.20
C ILE A 66 -8.16 -22.84 20.13
N THR A 67 -8.38 -21.78 20.89
CA THR A 67 -9.67 -21.09 20.82
C THR A 67 -9.55 -19.91 19.88
N TYR A 68 -10.69 -19.32 19.59
CA TYR A 68 -10.72 -18.11 18.79
C TYR A 68 -10.07 -16.93 19.53
N GLY A 69 -10.10 -16.98 20.85
CA GLY A 69 -9.50 -15.92 21.63
C GLY A 69 -7.99 -16.05 21.67
N GLU A 70 -7.48 -17.27 21.61
CA GLU A 70 -6.03 -17.47 21.62
C GLU A 70 -5.53 -16.95 20.25
N LEU A 71 -6.26 -17.27 19.20
CA LEU A 71 -5.88 -16.79 17.84
C LEU A 71 -5.91 -15.28 17.77
N LEU A 72 -6.99 -14.69 18.29
CA LEU A 72 -7.13 -13.24 18.40
C LEU A 72 -5.90 -12.64 19.05
N ASN A 73 -5.37 -13.36 20.03
CA ASN A 73 -4.25 -12.87 20.80
C ASN A 73 -2.98 -12.85 19.97
N ILE A 74 -2.75 -13.95 19.25
CA ILE A 74 -1.58 -14.03 18.40
C ILE A 74 -1.70 -12.99 17.25
N PHE A 75 -2.88 -12.90 16.66
CA PHE A 75 -3.16 -11.90 15.59
C PHE A 75 -2.69 -10.55 16.07
N TRP A 76 -3.14 -10.11 17.24
CA TRP A 76 -2.74 -8.78 17.71
C TRP A 76 -1.27 -8.65 18.08
N ASN A 77 -0.60 -9.77 18.35
CA ASN A 77 0.83 -9.65 18.63
C ASN A 77 1.66 -9.72 17.35
N LEU A 78 0.99 -9.92 16.21
CA LEU A 78 1.69 -10.14 14.94
C LEU A 78 1.76 -8.89 14.09
N HIS A 79 1.17 -7.81 14.57
CA HIS A 79 1.26 -6.53 13.90
C HIS A 79 0.96 -5.39 14.88
N ASN A 80 1.16 -4.16 14.42
CA ASN A 80 1.07 -2.98 15.27
C ASN A 80 0.02 -2.00 14.72
N PRO A 81 -1.27 -2.31 14.91
CA PRO A 81 -2.35 -1.55 14.29
C PRO A 81 -2.64 -0.26 15.05
N VAL A 82 -1.63 0.60 15.17
CA VAL A 82 -1.81 1.85 15.88
C VAL A 82 -1.69 3.06 14.94
N TYR A 83 -2.12 2.87 13.69
CA TYR A 83 -2.15 3.99 12.76
C TYR A 83 -3.56 4.20 12.22
N GLU A 84 -3.97 5.46 12.22
CA GLU A 84 -5.17 5.89 11.52
C GLU A 84 -4.90 5.66 10.04
N THR A 85 -5.80 4.96 9.37
CA THR A 85 -5.74 4.84 7.92
C THR A 85 -7.08 4.43 7.33
N THR A 86 -7.55 5.24 6.40
CA THR A 86 -8.78 5.01 5.65
C THR A 86 -8.68 3.77 4.75
N ASN A 87 -7.48 3.54 4.21
CA ASN A 87 -7.28 2.58 3.12
C ASN A 87 -7.53 1.14 3.54
N ARG A 88 -8.64 0.53 3.07
CA ARG A 88 -8.98 -0.85 3.44
C ARG A 88 -7.80 -1.79 3.22
N GLN A 89 -6.91 -1.47 2.27
CA GLN A 89 -5.86 -2.42 1.96
C GLN A 89 -4.71 -2.41 2.96
N TYR A 90 -4.51 -1.32 3.68
CA TYR A 90 -3.44 -1.26 4.65
C TYR A 90 -3.96 -1.50 6.07
N MET A 91 -5.28 -1.60 6.19
CA MET A 91 -5.90 -1.73 7.53
C MET A 91 -5.80 -3.11 8.14
N SER A 92 -5.65 -3.11 9.47
CA SER A 92 -5.91 -4.28 10.32
C SER A 92 -7.42 -4.54 10.40
N ARG A 93 -7.86 -5.74 10.04
CA ARG A 93 -9.29 -6.04 10.05
C ARG A 93 -9.57 -7.46 10.56
N ILE A 94 -10.65 -7.60 11.32
CA ILE A 94 -11.15 -8.93 11.67
C ILE A 94 -12.49 -9.17 10.99
N PHE A 95 -12.59 -10.22 10.20
CA PHE A 95 -13.89 -10.54 9.63
C PHE A 95 -14.55 -11.66 10.47
N TYR A 96 -15.55 -11.32 11.29
CA TYR A 96 -16.24 -12.37 12.09
C TYR A 96 -17.21 -13.22 11.28
N LEU A 97 -17.25 -14.51 11.58
CA LEU A 97 -18.18 -15.46 10.96
C LEU A 97 -19.46 -15.68 11.78
N ASP A 98 -19.41 -15.39 13.08
CA ASP A 98 -20.61 -15.43 13.93
C ASP A 98 -20.68 -14.26 14.94
N ASP A 99 -21.75 -14.22 15.74
CA ASP A 99 -21.89 -13.18 16.77
C ASP A 99 -20.89 -13.38 17.90
N GLY A 100 -20.50 -14.62 18.14
CA GLY A 100 -19.56 -14.93 19.21
C GLY A 100 -18.18 -14.37 18.91
N GLN A 101 -17.71 -14.58 17.67
CA GLN A 101 -16.39 -14.11 17.27
C GLN A 101 -16.35 -12.59 17.39
N LYS A 102 -17.42 -11.97 16.91
CA LYS A 102 -17.57 -10.53 16.95
C LYS A 102 -17.55 -10.02 18.36
N SER A 103 -18.36 -10.66 19.22
CA SER A 103 -18.41 -10.33 20.63
C SER A 103 -17.03 -10.45 21.25
N GLU A 104 -16.36 -11.55 20.99
CA GLU A 104 -15.01 -11.77 21.48
C GLU A 104 -14.00 -10.75 20.95
N ALA A 105 -14.14 -10.40 19.67
CA ALA A 105 -13.19 -9.49 19.04
C ALA A 105 -13.35 -8.05 19.53
N LEU A 106 -14.59 -7.55 19.66
CA LEU A 106 -14.82 -6.23 20.28
C LEU A 106 -14.28 -6.19 21.71
N GLU A 107 -14.42 -7.31 22.40
CA GLU A 107 -14.06 -7.44 23.81
C GLU A 107 -12.57 -7.25 24.05
N MET A 108 -11.78 -8.09 23.40
CA MET A 108 -10.32 -8.02 23.50
C MET A 108 -9.77 -6.70 22.97
N LYS A 109 -10.47 -6.08 22.02
CA LYS A 109 -10.00 -4.80 21.53
C LYS A 109 -10.06 -3.78 22.66
N ARG A 110 -11.18 -3.75 23.37
CA ARG A 110 -11.37 -2.86 24.52
C ARG A 110 -10.27 -3.01 25.57
N GLN A 111 -10.02 -4.25 26.00
CA GLN A 111 -8.86 -4.62 26.82
C GLN A 111 -7.55 -3.93 26.43
N ILE A 112 -7.03 -4.30 25.25
CA ILE A 112 -5.76 -3.80 24.72
C ILE A 112 -5.65 -2.27 24.74
N GLU A 113 -6.75 -1.62 24.38
CA GLU A 113 -6.82 -0.16 24.39
C GLU A 113 -6.65 0.38 25.81
N ALA A 114 -7.29 -0.27 26.78
CA ALA A 114 -7.10 0.07 28.18
C ALA A 114 -5.68 -0.22 28.64
N ALA A 115 -5.32 -1.51 28.63
CA ALA A 115 -3.96 -1.99 28.85
C ALA A 115 -2.82 -0.99 28.52
N ASN A 116 -2.94 -0.31 27.37
CA ASN A 116 -1.91 0.65 26.92
C ASN A 116 -2.35 2.10 26.74
N GLY A 117 -3.65 2.33 26.61
CA GLY A 117 -4.14 3.69 26.39
C GLY A 117 -4.40 4.00 24.93
N GLU A 118 -3.50 3.54 24.06
CA GLU A 118 -3.56 3.79 22.62
C GLU A 118 -4.87 3.38 21.98
N LYS A 119 -5.30 4.17 21.00
CA LYS A 119 -6.38 3.70 20.15
C LYS A 119 -5.81 2.62 19.24
N ILE A 120 -6.53 1.51 19.15
CA ILE A 120 -6.21 0.43 18.24
C ILE A 120 -7.19 0.54 17.07
N TYR A 121 -6.72 0.41 15.83
CA TYR A 121 -7.57 0.73 14.67
C TYR A 121 -8.14 -0.46 13.90
N THR A 122 -8.04 -1.65 14.48
CA THR A 122 -8.65 -2.85 13.92
C THR A 122 -10.16 -2.68 13.71
N GLU A 123 -10.65 -3.02 12.52
CA GLU A 123 -12.09 -2.89 12.19
C GLU A 123 -12.76 -4.24 12.33
N ILE A 124 -13.93 -4.26 12.96
CA ILE A 124 -14.67 -5.52 13.12
C ILE A 124 -15.88 -5.55 12.19
N VAL A 125 -15.85 -6.44 11.22
CA VAL A 125 -16.88 -6.42 10.22
C VAL A 125 -17.15 -7.84 9.89
N PRO A 126 -18.39 -8.16 9.50
CA PRO A 126 -18.74 -9.55 9.18
C PRO A 126 -18.07 -9.99 7.90
N LEU A 127 -17.78 -11.29 7.80
CA LEU A 127 -17.25 -11.84 6.56
C LEU A 127 -18.42 -12.00 5.61
N GLU A 128 -18.37 -11.30 4.48
CA GLU A 128 -19.51 -11.35 3.58
C GLU A 128 -19.06 -11.95 2.27
N ASN A 129 -17.83 -11.65 1.89
CA ASN A 129 -17.21 -12.27 0.72
C ASN A 129 -15.80 -12.76 0.98
N PHE A 130 -15.41 -13.81 0.28
CA PHE A 130 -14.05 -14.32 0.35
C PHE A 130 -13.70 -15.04 -0.93
N TYR A 131 -12.73 -14.48 -1.65
CA TYR A 131 -12.22 -15.04 -2.89
C TYR A 131 -10.86 -15.62 -2.63
N LEU A 132 -10.58 -16.81 -3.17
CA LEU A 132 -9.25 -17.37 -3.10
C LEU A 132 -8.34 -16.45 -3.93
N ALA A 133 -7.04 -16.51 -3.69
CA ALA A 133 -6.06 -15.74 -4.46
C ALA A 133 -5.77 -16.48 -5.73
N GLU A 134 -5.69 -15.76 -6.85
CA GLU A 134 -5.30 -16.38 -8.10
C GLU A 134 -3.80 -16.16 -8.37
N GLY A 135 -3.14 -17.20 -8.90
CA GLY A 135 -1.77 -17.08 -9.38
C GLY A 135 -1.74 -16.38 -10.74
N TYR A 136 -0.63 -15.75 -11.07
CA TYR A 136 -0.56 -15.00 -12.31
C TYR A 136 -0.47 -15.99 -13.43
N HIS A 137 -1.08 -15.68 -14.57
CA HIS A 137 -0.98 -16.51 -15.77
C HIS A 137 0.41 -16.56 -16.41
N GLN A 138 0.94 -17.76 -16.61
CA GLN A 138 2.22 -17.93 -17.28
C GLN A 138 2.09 -17.75 -18.78
N LYS A 139 3.04 -17.05 -19.40
CA LYS A 139 2.99 -16.90 -20.84
C LYS A 139 4.11 -17.69 -21.54
N TYR A 140 3.75 -18.33 -22.65
CA TYR A 140 4.64 -19.24 -23.36
C TYR A 140 5.06 -18.74 -24.74
N LYS B 6 2.67 -12.63 -36.88
CA LYS B 6 3.99 -12.89 -36.33
C LYS B 6 4.71 -11.62 -35.98
N LEU B 7 5.06 -11.48 -34.72
CA LEU B 7 5.76 -10.30 -34.30
C LEU B 7 6.94 -10.80 -33.53
N SER B 8 7.82 -9.92 -33.12
CA SER B 8 8.96 -10.41 -32.39
C SER B 8 8.78 -9.99 -30.92
N ILE B 9 9.56 -10.60 -30.04
CA ILE B 9 9.43 -10.34 -28.58
C ILE B 9 10.77 -10.03 -27.94
N ALA B 10 10.84 -8.96 -27.16
CA ALA B 10 12.00 -8.72 -26.30
C ALA B 10 11.45 -8.70 -24.88
N VAL B 11 12.26 -9.12 -23.93
CA VAL B 11 11.89 -9.02 -22.51
C VAL B 11 13.04 -8.40 -21.73
N PHE B 12 12.74 -7.29 -21.03
CA PHE B 12 13.75 -6.54 -20.27
C PHE B 12 13.23 -6.34 -18.86
N ALA B 13 14.12 -6.22 -17.87
CA ALA B 13 13.73 -5.73 -16.54
C ALA B 13 14.48 -4.43 -16.22
N LEU B 14 13.75 -3.34 -15.99
CA LEU B 14 14.35 -2.11 -15.54
C LEU B 14 13.80 -1.71 -14.18
N GLY B 15 14.66 -1.59 -13.17
CA GLY B 15 14.18 -1.25 -11.85
C GLY B 15 13.40 0.05 -11.80
N CYS B 16 12.38 0.07 -10.95
CA CYS B 16 11.50 1.25 -10.81
CA CYS B 16 11.50 1.23 -10.83
C CYS B 16 12.22 2.55 -10.53
N PHE B 17 13.28 2.51 -9.71
CA PHE B 17 13.94 3.76 -9.33
C PHE B 17 14.78 4.39 -10.44
N TRP B 18 14.90 3.73 -11.59
CA TRP B 18 15.59 4.39 -12.68
C TRP B 18 14.67 5.41 -13.40
N GLY B 19 13.37 5.24 -13.19
CA GLY B 19 12.38 5.97 -13.96
C GLY B 19 12.45 7.48 -13.83
N PRO B 20 12.49 7.99 -12.60
CA PRO B 20 12.53 9.42 -12.31
C PRO B 20 13.59 10.10 -13.11
N ASP B 21 14.81 9.61 -13.09
CA ASP B 21 15.75 10.36 -13.90
C ASP B 21 15.55 10.27 -15.43
N ALA B 22 15.06 9.15 -15.92
CA ALA B 22 14.68 9.08 -17.33
C ALA B 22 13.42 9.91 -17.71
N GLN B 23 12.46 10.05 -16.80
CA GLN B 23 11.17 10.77 -16.97
C GLN B 23 11.34 12.31 -16.87
N PHE B 24 12.21 12.79 -16.00
CA PHE B 24 12.29 14.23 -15.66
C PHE B 24 13.70 14.73 -15.68
N GLY B 25 14.62 13.84 -15.37
CA GLY B 25 16.02 14.22 -15.24
C GLY B 25 16.68 15.00 -16.35
N SER B 26 16.34 14.70 -17.60
CA SER B 26 16.94 15.40 -18.70
C SER B 26 15.95 16.39 -19.37
N ILE B 27 14.94 16.79 -18.63
CA ILE B 27 14.08 17.89 -19.04
C ILE B 27 14.76 19.23 -18.77
N LYS B 28 14.86 20.11 -19.76
CA LYS B 28 15.45 21.43 -19.51
C LYS B 28 14.81 22.21 -18.34
N GLY B 29 15.63 22.62 -17.36
CA GLY B 29 15.10 23.35 -16.23
C GLY B 29 14.99 22.48 -14.98
N VAL B 30 15.01 21.15 -15.16
CA VAL B 30 14.97 20.27 -13.99
C VAL B 30 16.41 20.13 -13.56
N VAL B 31 16.67 20.44 -12.31
CA VAL B 31 18.04 20.47 -11.83
C VAL B 31 18.43 19.16 -11.21
N SER B 32 17.49 18.51 -10.52
CA SER B 32 17.77 17.21 -9.89
C SER B 32 16.50 16.44 -9.58
N THR B 33 16.64 15.11 -9.49
CA THR B 33 15.52 14.31 -9.04
C THR B 33 16.05 13.39 -7.91
N ARG B 34 15.22 13.16 -6.92
CA ARG B 34 15.58 12.18 -5.86
C ARG B 34 14.43 11.26 -5.68
N VAL B 35 14.72 9.96 -5.66
CA VAL B 35 13.68 9.02 -5.34
C VAL B 35 13.44 9.00 -3.83
N GLY B 36 12.19 8.82 -3.47
CA GLY B 36 11.89 8.63 -2.05
C GLY B 36 10.61 7.92 -1.82
N TYR B 37 10.16 8.02 -0.57
CA TYR B 37 8.96 7.36 -0.10
C TYR B 37 8.09 8.42 0.59
N ALA B 38 6.80 8.40 0.28
CA ALA B 38 5.88 9.38 0.88
C ALA B 38 4.45 8.89 0.75
N GLY B 39 3.53 9.56 1.44
CA GLY B 39 2.12 9.35 1.19
C GLY B 39 1.45 8.33 2.08
N GLY B 40 2.20 7.73 3.02
CA GLY B 40 1.69 6.74 3.98
C GLY B 40 1.37 7.33 5.35
N THR B 41 1.62 6.57 6.43
CA THR B 41 1.20 6.94 7.80
C THR B 41 2.26 6.81 8.92
N THR B 42 3.03 5.73 8.83
CA THR B 42 4.02 5.35 9.82
C THR B 42 5.16 6.36 9.93
N ASN B 43 5.60 6.62 11.15
CA ASN B 43 6.58 7.68 11.43
C ASN B 43 7.94 7.45 10.80
N ASN B 44 8.24 6.20 10.43
CA ASN B 44 9.57 5.92 9.90
C ASN B 44 9.68 4.72 8.98
N PRO B 45 9.38 4.90 7.68
CA PRO B 45 9.62 3.69 6.91
C PRO B 45 11.11 3.46 6.76
N SER B 46 11.38 2.26 6.26
CA SER B 46 12.73 1.74 6.21
C SER B 46 12.80 0.78 5.04
N TYR B 47 14.01 0.49 4.59
CA TYR B 47 14.26 -0.53 3.60
C TYR B 47 13.50 -1.81 3.94
N TYR B 48 13.40 -2.15 5.23
CA TYR B 48 12.78 -3.42 5.55
C TYR B 48 11.24 -3.37 5.59
N ASN B 49 10.64 -2.23 5.94
CA ASN B 49 9.17 -2.08 5.83
C ASN B 49 8.68 -0.64 5.53
N LEU B 50 8.04 -0.49 4.37
CA LEU B 50 7.64 0.84 3.89
C LEU B 50 6.32 1.25 4.47
N GLY B 51 5.63 0.31 5.13
CA GLY B 51 4.31 0.62 5.63
C GLY B 51 3.43 0.92 4.44
N ASP B 52 2.72 2.05 4.49
CA ASP B 52 1.75 2.34 3.44
C ASP B 52 2.23 3.43 2.47
N HIS B 53 3.53 3.69 2.45
CA HIS B 53 4.12 4.69 1.54
C HIS B 53 4.35 4.11 0.14
N SER B 54 4.49 4.93 -0.91
CA SER B 54 5.02 4.38 -2.17
C SER B 54 6.07 5.27 -2.84
N GLU B 55 6.62 4.75 -3.94
CA GLU B 55 7.72 5.30 -4.65
C GLU B 55 7.25 6.73 -5.01
N SER B 56 7.98 7.75 -4.58
CA SER B 56 7.72 9.14 -4.99
C SER B 56 8.94 9.83 -5.52
N ILE B 57 8.78 11.00 -6.15
CA ILE B 57 9.95 11.64 -6.66
C ILE B 57 9.96 13.12 -6.29
N GLU B 58 11.09 13.56 -5.81
CA GLU B 58 11.32 14.96 -5.55
C GLU B 58 12.03 15.56 -6.76
N ILE B 59 11.42 16.59 -7.37
CA ILE B 59 11.99 17.21 -8.54
C ILE B 59 12.36 18.62 -8.13
N GLN B 60 13.65 18.91 -8.20
CA GLN B 60 14.11 20.27 -7.95
C GLN B 60 14.29 20.99 -9.30
N TYR B 61 13.66 22.15 -9.46
CA TYR B 61 13.64 22.77 -10.78
C TYR B 61 13.79 24.28 -10.65
N ASP B 62 14.16 24.91 -11.75
CA ASP B 62 14.41 26.34 -11.77
C ASP B 62 13.24 26.90 -12.53
N ALA B 63 12.38 27.56 -11.76
CA ALA B 63 11.17 28.19 -12.25
C ALA B 63 11.41 29.27 -13.32
N ASN B 64 12.62 29.79 -13.45
CA ASN B 64 12.87 30.74 -14.56
C ASN B 64 12.94 29.99 -15.88
N VAL B 65 12.98 28.64 -15.83
CA VAL B 65 13.19 27.82 -17.07
C VAL B 65 12.01 26.97 -17.36
N ILE B 66 11.48 26.38 -16.31
CA ILE B 66 10.34 25.53 -16.47
C ILE B 66 9.33 25.76 -15.35
N THR B 67 8.03 25.71 -15.67
CA THR B 67 7.06 25.99 -14.62
C THR B 67 6.46 24.73 -14.02
N TYR B 68 5.76 24.87 -12.91
CA TYR B 68 5.10 23.75 -12.26
C TYR B 68 4.06 23.20 -13.20
N GLY B 69 3.37 24.09 -13.92
CA GLY B 69 2.39 23.64 -14.92
C GLY B 69 3.02 22.75 -16.00
N GLU B 70 4.19 23.10 -16.48
CA GLU B 70 4.83 22.28 -17.52
C GLU B 70 5.18 20.90 -16.91
N LEU B 71 5.54 20.84 -15.63
CA LEU B 71 5.89 19.57 -14.98
C LEU B 71 4.63 18.75 -14.83
N LEU B 72 3.50 19.40 -14.55
CA LEU B 72 2.23 18.62 -14.38
C LEU B 72 1.89 18.01 -15.76
N ASN B 73 2.16 18.77 -16.81
CA ASN B 73 1.83 18.26 -18.15
C ASN B 73 2.69 17.07 -18.48
N ILE B 74 3.97 17.10 -18.06
CA ILE B 74 4.84 15.94 -18.24
C ILE B 74 4.32 14.75 -17.45
N PHE B 75 3.94 15.00 -16.20
CA PHE B 75 3.42 13.94 -15.32
C PHE B 75 2.19 13.28 -15.97
N TRP B 76 1.27 14.08 -16.53
CA TRP B 76 0.08 13.43 -17.07
C TRP B 76 0.29 12.90 -18.47
N ASN B 77 1.42 13.25 -19.10
CA ASN B 77 1.76 12.66 -20.39
C ASN B 77 2.53 11.37 -20.16
N LEU B 78 2.96 11.10 -18.94
CA LEU B 78 3.66 9.85 -18.65
C LEU B 78 2.75 8.68 -18.26
N HIS B 79 1.44 8.88 -18.13
CA HIS B 79 0.56 7.76 -17.70
C HIS B 79 -0.87 8.11 -17.99
N ASN B 80 -1.78 7.17 -17.77
CA ASN B 80 -3.17 7.36 -18.23
C ASN B 80 -4.15 6.92 -17.13
N PRO B 81 -4.24 7.70 -16.04
CA PRO B 81 -4.98 7.23 -14.84
C PRO B 81 -6.50 7.42 -14.97
N VAL B 82 -7.09 6.71 -15.91
CA VAL B 82 -8.54 6.82 -16.12
C VAL B 82 -9.30 5.59 -15.58
N TYR B 83 -8.59 4.72 -14.85
CA TYR B 83 -9.26 3.63 -14.11
C TYR B 83 -9.03 3.70 -12.62
N GLU B 84 -10.09 3.58 -11.84
CA GLU B 84 -9.97 3.48 -10.40
C GLU B 84 -9.05 2.31 -10.07
N THR B 85 -8.12 2.55 -9.15
CA THR B 85 -7.21 1.49 -8.77
C THR B 85 -6.96 1.51 -7.28
N THR B 86 -6.64 0.35 -6.71
CA THR B 86 -6.16 0.31 -5.34
C THR B 86 -4.71 -0.10 -5.33
N ASN B 87 -4.12 -0.24 -6.52
CA ASN B 87 -2.84 -0.90 -6.67
C ASN B 87 -1.65 0.07 -6.66
N ARG B 88 -0.67 -0.16 -5.80
CA ARG B 88 0.48 0.78 -5.70
C ARG B 88 1.26 0.90 -7.02
N GLN B 89 1.24 -0.16 -7.82
CA GLN B 89 2.01 -0.14 -9.08
C GLN B 89 1.38 0.78 -10.09
N TYR B 90 0.14 1.22 -9.86
CA TYR B 90 -0.53 2.16 -10.78
C TYR B 90 -0.90 3.46 -10.07
N MET B 91 -0.15 3.76 -9.01
CA MET B 91 -0.32 4.97 -8.22
C MET B 91 -0.28 6.22 -9.12
N SER B 92 -1.15 7.18 -8.84
CA SER B 92 -1.05 8.46 -9.51
C SER B 92 -1.34 9.50 -8.45
N ARG B 93 -0.30 10.22 -8.00
CA ARG B 93 -0.51 11.11 -6.85
C ARG B 93 0.35 12.36 -7.04
N ILE B 94 -0.21 13.52 -6.75
CA ILE B 94 0.55 14.77 -6.69
C ILE B 94 0.56 15.26 -5.25
N PHE B 95 1.76 15.57 -4.74
CA PHE B 95 1.92 16.05 -3.35
C PHE B 95 2.22 17.53 -3.43
N TYR B 96 1.21 18.35 -3.18
CA TYR B 96 1.43 19.80 -3.30
C TYR B 96 2.14 20.39 -2.10
N LEU B 97 3.08 21.30 -2.36
CA LEU B 97 3.84 21.88 -1.27
C LEU B 97 3.21 23.16 -0.75
N ASP B 98 2.38 23.82 -1.55
CA ASP B 98 1.60 25.00 -1.14
C ASP B 98 0.26 25.07 -1.88
N ASP B 99 -0.59 26.05 -1.57
CA ASP B 99 -1.92 26.03 -2.17
C ASP B 99 -1.90 26.46 -3.64
N GLY B 100 -0.81 27.13 -4.05
CA GLY B 100 -0.62 27.48 -5.44
C GLY B 100 -0.48 26.22 -6.28
N GLN B 101 0.35 25.29 -5.80
CA GLN B 101 0.52 24.01 -6.51
C GLN B 101 -0.78 23.24 -6.46
N LYS B 102 -1.45 23.26 -5.31
CA LYS B 102 -2.70 22.54 -5.20
C LYS B 102 -3.69 23.01 -6.26
N SER B 103 -3.85 24.32 -6.37
CA SER B 103 -4.87 24.83 -7.28
C SER B 103 -4.45 24.64 -8.75
N GLU B 104 -3.17 24.77 -9.06
CA GLU B 104 -2.74 24.45 -10.43
C GLU B 104 -3.01 22.97 -10.79
N ALA B 105 -2.84 22.06 -9.81
CA ALA B 105 -3.01 20.63 -10.12
C ALA B 105 -4.48 20.35 -10.28
N LEU B 106 -5.32 20.85 -9.35
CA LEU B 106 -6.75 20.65 -9.49
C LEU B 106 -7.30 21.24 -10.79
N GLU B 107 -6.83 22.43 -11.16
CA GLU B 107 -7.35 23.14 -12.35
C GLU B 107 -6.94 22.35 -13.61
N MET B 108 -5.73 21.81 -13.63
CA MET B 108 -5.33 21.03 -14.81
C MET B 108 -6.03 19.68 -14.90
N LYS B 109 -6.27 19.04 -13.75
CA LYS B 109 -7.05 17.81 -13.70
C LYS B 109 -8.43 18.04 -14.32
N ARG B 110 -9.10 19.12 -13.89
CA ARG B 110 -10.44 19.40 -14.42
C ARG B 110 -10.43 19.67 -15.92
N GLN B 111 -9.39 20.32 -16.42
CA GLN B 111 -9.24 20.64 -17.84
C GLN B 111 -9.09 19.34 -18.62
N ILE B 112 -8.33 18.38 -18.09
CA ILE B 112 -8.14 17.12 -18.79
C ILE B 112 -9.43 16.31 -18.84
N GLU B 113 -10.12 16.27 -17.72
CA GLU B 113 -11.43 15.65 -17.64
C GLU B 113 -12.39 16.29 -18.64
N ALA B 114 -12.39 17.62 -18.73
CA ALA B 114 -13.31 18.27 -19.67
C ALA B 114 -12.95 18.02 -21.12
N ALA B 115 -11.66 17.95 -21.41
CA ALA B 115 -11.20 17.88 -22.80
C ALA B 115 -11.28 16.46 -23.34
N ASN B 116 -11.06 15.46 -22.48
CA ASN B 116 -11.13 14.06 -22.94
C ASN B 116 -12.31 13.23 -22.49
N GLY B 117 -13.19 13.76 -21.64
CA GLY B 117 -14.41 13.04 -21.37
C GLY B 117 -14.27 11.91 -20.34
N GLU B 118 -13.07 11.70 -19.79
CA GLU B 118 -12.86 10.60 -18.81
C GLU B 118 -12.43 11.13 -17.46
N LYS B 119 -13.04 10.64 -16.37
CA LYS B 119 -12.59 10.95 -15.01
C LYS B 119 -11.14 10.57 -14.83
N ILE B 120 -10.39 11.42 -14.13
CA ILE B 120 -8.95 11.22 -13.88
C ILE B 120 -8.82 10.82 -12.38
N TYR B 121 -8.13 9.74 -12.09
CA TYR B 121 -8.11 9.20 -10.72
C TYR B 121 -6.87 9.60 -9.94
N THR B 122 -6.21 10.65 -10.38
CA THR B 122 -5.01 11.15 -9.70
C THR B 122 -5.46 11.79 -8.40
N GLU B 123 -4.78 11.49 -7.30
CA GLU B 123 -5.08 12.12 -6.00
C GLU B 123 -4.17 13.32 -5.80
N ILE B 124 -4.73 14.45 -5.33
CA ILE B 124 -3.93 15.65 -5.13
C ILE B 124 -3.99 15.88 -3.62
N VAL B 125 -2.86 15.72 -2.93
CA VAL B 125 -2.87 15.71 -1.45
C VAL B 125 -1.69 16.52 -0.93
N PRO B 126 -1.74 16.98 0.33
CA PRO B 126 -0.62 17.85 0.75
C PRO B 126 0.64 17.04 1.01
N LEU B 127 1.84 17.59 0.73
CA LEU B 127 3.04 16.85 1.10
C LEU B 127 3.12 17.00 2.62
N GLU B 128 3.22 15.89 3.32
CA GLU B 128 3.44 15.95 4.77
C GLU B 128 4.86 15.52 5.13
N ASN B 129 5.24 14.29 4.81
CA ASN B 129 6.63 13.86 4.99
C ASN B 129 7.19 13.21 3.73
N PHE B 130 8.49 13.37 3.50
CA PHE B 130 9.17 12.75 2.37
C PHE B 130 10.44 12.07 2.85
N TYR B 131 10.59 10.77 2.60
CA TYR B 131 11.82 10.11 3.06
C TYR B 131 12.73 9.82 1.89
N LEU B 132 14.00 10.19 2.00
CA LEU B 132 14.96 9.92 0.93
C LEU B 132 15.28 8.45 0.84
N ALA B 133 15.08 7.85 -0.32
CA ALA B 133 15.38 6.41 -0.48
C ALA B 133 16.82 6.19 -0.97
N GLU B 134 17.27 4.92 -0.90
CA GLU B 134 18.63 4.59 -1.37
C GLU B 134 18.77 4.85 -2.87
N GLY B 135 19.95 5.28 -3.29
CA GLY B 135 20.26 5.46 -4.71
C GLY B 135 21.77 5.45 -4.86
N TYR B 136 22.26 5.54 -6.09
CA TYR B 136 23.70 5.45 -6.32
C TYR B 136 24.48 6.64 -5.73
N HIS B 137 23.76 7.75 -5.49
CA HIS B 137 24.32 8.91 -4.79
C HIS B 137 23.84 9.07 -3.31
N GLN B 138 23.18 8.06 -2.75
CA GLN B 138 22.76 8.06 -1.35
C GLN B 138 22.56 6.59 -1.08
N LYS B 139 23.67 5.86 -0.96
CA LYS B 139 23.67 4.40 -0.91
C LYS B 139 23.13 3.87 0.40
N TYR B 140 23.13 4.70 1.44
CA TYR B 140 22.88 4.24 2.83
C TYR B 140 23.84 3.16 3.27
N TYR B 141 25.11 3.51 3.40
CA TYR B 141 26.09 2.55 3.87
C TYR B 141 25.72 2.19 5.29
N LEU B 142 25.70 0.90 5.62
CA LEU B 142 25.43 0.47 7.00
C LEU B 142 26.63 0.73 7.90
#